data_2Q0H
#
_entry.id   2Q0H
#
_cell.length_a   48.428
_cell.length_b   84.007
_cell.length_c   69.535
_cell.angle_alpha   90.00
_cell.angle_beta   105.60
_cell.angle_gamma   90.00
#
_symmetry.space_group_name_H-M   'P 1 21 1'
#
loop_
_entity.id
_entity.type
_entity.pdbx_description
1 polymer ArtP
2 non-polymer 'MAGNESIUM ION'
3 non-polymer "ADENOSINE-5'-DIPHOSPHATE"
4 non-polymer GLYCEROL
5 water water
#
_entity_poly.entity_id   1
_entity_poly.type   'polypeptide(L)'
_entity_poly.pdbx_seq_one_letter_code
;MGSSHHHHHHSSGLVPRGSHMLQMIDVHQLKKSFGSLEVLKGINVHIREGEVVVVIGPSGSGKSTFLRCLNLLEDFDEGE
IIIDGINLKAKDTNLNKVREEVGMVFQRFNLFPHMTVLNNITLAPMKVRKWPREKAEAKAMELLDKVGLKDKAHAYPDSL
SGGQAQRVAIARALAMEPKIMLFDEPTSALDPEMVGEVLSVMKQLANEGMTMVVVTHEMGFAREVGDRVLFMDGGYIIEE
GKPEDLFDRPQHERTKAFLSKVF
;
_entity_poly.pdbx_strand_id   A,B
#
loop_
_chem_comp.id
_chem_comp.type
_chem_comp.name
_chem_comp.formula
ADP non-polymer ADENOSINE-5'-DIPHOSPHATE 'C10 H15 N5 O10 P2'
GOL non-polymer GLYCEROL 'C3 H8 O3'
MG non-polymer 'MAGNESIUM ION' 'Mg 2'
#
# COMPACT_ATOMS: atom_id res chain seq x y z
N GLN A 23 -15.03 -27.14 -11.45
CA GLN A 23 -15.51 -26.12 -12.43
C GLN A 23 -15.38 -24.69 -11.92
N MET A 24 -14.77 -24.51 -10.74
CA MET A 24 -14.62 -23.17 -10.20
C MET A 24 -13.54 -22.39 -10.94
N ILE A 25 -12.42 -23.05 -11.21
CA ILE A 25 -11.31 -22.43 -11.94
C ILE A 25 -10.77 -23.45 -12.93
N ASP A 26 -10.83 -23.11 -14.21
CA ASP A 26 -10.37 -24.02 -15.25
C ASP A 26 -9.43 -23.33 -16.21
N VAL A 27 -8.22 -23.85 -16.31
CA VAL A 27 -7.20 -23.27 -17.18
C VAL A 27 -6.60 -24.35 -18.09
N HIS A 28 -6.46 -24.04 -19.38
N HIS A 28 -6.45 -24.04 -19.37
CA HIS A 28 -5.90 -24.97 -20.34
CA HIS A 28 -5.87 -25.01 -20.29
C HIS A 28 -4.71 -24.36 -21.08
C HIS A 28 -4.73 -24.39 -21.09
N GLN A 29 -3.60 -25.09 -21.13
CA GLN A 29 -2.41 -24.65 -21.84
C GLN A 29 -2.19 -23.14 -21.86
N LEU A 30 -2.24 -22.52 -20.69
CA LEU A 30 -2.04 -21.09 -20.53
C LEU A 30 -0.60 -20.67 -20.80
N LYS A 31 -0.44 -19.64 -21.62
CA LYS A 31 0.89 -19.15 -21.94
C LYS A 31 0.87 -17.64 -21.91
N LYS A 32 1.98 -17.06 -21.48
CA LYS A 32 2.09 -15.62 -21.35
C LYS A 32 3.56 -15.28 -21.49
N SER A 33 3.85 -14.21 -22.22
CA SER A 33 5.23 -13.77 -22.43
C SER A 33 5.34 -12.26 -22.29
N PHE A 34 6.49 -11.79 -21.81
CA PHE A 34 6.75 -10.37 -21.69
C PHE A 34 7.85 -10.08 -22.71
N GLY A 35 7.44 -9.83 -23.94
CA GLY A 35 8.38 -9.58 -25.02
C GLY A 35 8.71 -10.93 -25.62
N SER A 36 9.98 -11.32 -25.56
CA SER A 36 10.38 -12.62 -26.08
C SER A 36 10.79 -13.55 -24.95
N LEU A 37 10.29 -13.24 -23.75
CA LEU A 37 10.58 -14.04 -22.56
C LEU A 37 9.27 -14.70 -22.16
N GLU A 38 9.21 -16.01 -22.39
CA GLU A 38 8.03 -16.81 -22.08
C GLU A 38 7.97 -17.14 -20.58
N VAL A 39 7.10 -16.43 -19.85
CA VAL A 39 6.93 -16.62 -18.41
C VAL A 39 6.10 -17.84 -17.99
N LEU A 40 4.99 -18.05 -18.68
CA LEU A 40 4.13 -19.21 -18.43
C LEU A 40 4.24 -19.99 -19.75
N LYS A 41 4.65 -21.24 -19.69
CA LYS A 41 4.86 -22.03 -20.89
C LYS A 41 3.85 -23.13 -21.15
N GLY A 42 2.61 -22.92 -20.73
CA GLY A 42 1.59 -23.93 -20.92
C GLY A 42 1.16 -24.49 -19.59
N ILE A 43 0.32 -23.75 -18.90
CA ILE A 43 -0.16 -24.16 -17.59
C ILE A 43 -1.52 -24.83 -17.63
N ASN A 44 -1.64 -25.95 -16.93
CA ASN A 44 -2.90 -26.67 -16.85
C ASN A 44 -3.29 -26.71 -15.38
N VAL A 45 -4.50 -26.26 -15.09
CA VAL A 45 -4.98 -26.22 -13.71
C VAL A 45 -6.51 -26.28 -13.69
N HIS A 46 -7.03 -27.14 -12.83
CA HIS A 46 -8.47 -27.27 -12.66
C HIS A 46 -8.79 -27.32 -11.18
N ILE A 47 -9.34 -26.24 -10.66
CA ILE A 47 -9.67 -26.13 -9.26
C ILE A 47 -11.19 -26.06 -9.05
N ARG A 48 -11.70 -26.96 -8.23
CA ARG A 48 -13.13 -26.95 -7.97
C ARG A 48 -13.45 -26.23 -6.67
N GLU A 49 -14.68 -25.73 -6.60
CA GLU A 49 -15.15 -25.01 -5.44
C GLU A 49 -14.82 -25.72 -4.12
N GLY A 50 -14.34 -24.93 -3.15
CA GLY A 50 -13.99 -25.48 -1.85
C GLY A 50 -12.57 -25.98 -1.74
N GLU A 51 -11.90 -26.12 -2.88
CA GLU A 51 -10.53 -26.59 -2.85
C GLU A 51 -9.60 -25.46 -2.42
N VAL A 52 -8.56 -25.83 -1.68
CA VAL A 52 -7.56 -24.88 -1.22
C VAL A 52 -6.28 -25.34 -1.90
N VAL A 53 -5.80 -24.58 -2.87
CA VAL A 53 -4.60 -24.92 -3.61
C VAL A 53 -3.43 -23.99 -3.25
N VAL A 54 -2.34 -24.60 -2.78
CA VAL A 54 -1.13 -23.88 -2.40
C VAL A 54 -0.13 -24.00 -3.56
N VAL A 55 0.49 -22.88 -3.90
CA VAL A 55 1.46 -22.85 -4.98
C VAL A 55 2.84 -22.49 -4.44
N ILE A 56 3.84 -23.33 -4.73
CA ILE A 56 5.21 -23.06 -4.30
C ILE A 56 6.16 -23.01 -5.49
N GLY A 57 7.38 -22.52 -5.26
CA GLY A 57 8.35 -22.44 -6.33
C GLY A 57 9.23 -21.20 -6.25
N PRO A 58 10.42 -21.24 -6.88
CA PRO A 58 11.33 -20.09 -6.85
C PRO A 58 10.79 -18.85 -7.56
N SER A 59 11.43 -17.72 -7.31
CA SER A 59 11.02 -16.47 -7.93
C SER A 59 11.25 -16.59 -9.43
N GLY A 60 10.39 -15.94 -10.21
CA GLY A 60 10.52 -15.98 -11.66
C GLY A 60 9.77 -17.12 -12.33
N SER A 61 9.10 -17.96 -11.54
CA SER A 61 8.37 -19.10 -12.08
C SER A 61 6.99 -18.74 -12.63
N GLY A 62 6.59 -17.49 -12.47
CA GLY A 62 5.30 -17.06 -12.97
C GLY A 62 4.14 -17.30 -12.02
N LYS A 63 4.44 -17.47 -10.73
CA LYS A 63 3.39 -17.70 -9.74
C LYS A 63 2.49 -16.46 -9.67
N SER A 64 3.08 -15.29 -9.45
CA SER A 64 2.30 -14.06 -9.37
C SER A 64 1.60 -13.78 -10.71
N THR A 65 2.31 -13.97 -11.82
CA THR A 65 1.73 -13.74 -13.13
C THR A 65 0.50 -14.62 -13.30
N PHE A 66 0.61 -15.87 -12.85
CA PHE A 66 -0.51 -16.77 -12.96
C PHE A 66 -1.69 -16.18 -12.18
N LEU A 67 -1.48 -15.78 -10.94
CA LEU A 67 -2.56 -15.22 -10.14
C LEU A 67 -3.13 -13.96 -10.77
N ARG A 68 -2.24 -13.11 -11.26
CA ARG A 68 -2.66 -11.87 -11.87
C ARG A 68 -3.53 -12.12 -13.10
N CYS A 69 -3.35 -13.27 -13.76
CA CYS A 69 -4.15 -13.59 -14.94
C CYS A 69 -5.55 -14.00 -14.49
N LEU A 70 -5.62 -14.75 -13.40
CA LEU A 70 -6.91 -15.20 -12.86
C LEU A 70 -7.71 -14.03 -12.34
N ASN A 71 -7.02 -12.94 -11.99
CA ASN A 71 -7.70 -11.78 -11.44
C ASN A 71 -7.96 -10.67 -12.47
N LEU A 72 -7.67 -10.98 -13.74
CA LEU A 72 -7.88 -10.04 -14.83
C LEU A 72 -7.02 -8.78 -14.70
N LEU A 73 -5.92 -8.91 -13.98
CA LEU A 73 -5.01 -7.78 -13.75
C LEU A 73 -3.92 -7.82 -14.81
N GLU A 74 -3.83 -8.95 -15.50
CA GLU A 74 -2.85 -9.17 -16.54
C GLU A 74 -3.55 -9.95 -17.65
N ASP A 75 -3.09 -9.83 -18.88
CA ASP A 75 -3.71 -10.54 -19.98
C ASP A 75 -2.77 -11.68 -20.39
N PHE A 76 -3.33 -12.71 -21.03
CA PHE A 76 -2.52 -13.85 -21.46
C PHE A 76 -2.51 -14.03 -22.97
N ASP A 77 -1.48 -14.71 -23.48
CA ASP A 77 -1.30 -14.91 -24.91
C ASP A 77 -1.97 -16.13 -25.56
N GLU A 78 -1.83 -17.29 -24.95
CA GLU A 78 -2.43 -18.51 -25.48
C GLU A 78 -3.19 -19.29 -24.42
N GLY A 79 -3.90 -20.32 -24.87
CA GLY A 79 -4.67 -21.14 -23.95
C GLY A 79 -5.89 -20.37 -23.50
N GLU A 80 -6.54 -20.83 -22.45
CA GLU A 80 -7.71 -20.10 -21.98
C GLU A 80 -8.05 -20.33 -20.50
N ILE A 81 -8.84 -19.41 -19.95
CA ILE A 81 -9.25 -19.47 -18.55
C ILE A 81 -10.76 -19.37 -18.40
N ILE A 82 -11.34 -20.17 -17.51
CA ILE A 82 -12.76 -20.14 -17.24
C ILE A 82 -12.97 -20.07 -15.74
N ILE A 83 -13.42 -18.91 -15.26
CA ILE A 83 -13.67 -18.72 -13.85
C ILE A 83 -15.15 -18.93 -13.58
N ASP A 84 -15.49 -20.05 -12.95
CA ASP A 84 -16.88 -20.35 -12.60
C ASP A 84 -17.82 -20.26 -13.81
N GLY A 85 -17.39 -20.85 -14.93
CA GLY A 85 -18.20 -20.84 -16.13
C GLY A 85 -17.78 -19.78 -17.15
N ILE A 86 -17.75 -18.54 -16.72
CA ILE A 86 -17.38 -17.43 -17.58
C ILE A 86 -15.99 -17.55 -18.19
N ASN A 87 -15.92 -17.57 -19.51
CA ASN A 87 -14.65 -17.69 -20.22
C ASN A 87 -14.06 -16.30 -20.41
N LEU A 88 -12.85 -16.09 -19.91
CA LEU A 88 -12.19 -14.78 -19.98
C LEU A 88 -11.90 -14.13 -21.33
N LYS A 89 -11.58 -14.93 -22.36
CA LYS A 89 -11.28 -14.32 -23.66
C LYS A 89 -12.42 -14.46 -24.67
N ALA A 90 -13.57 -14.95 -24.21
CA ALA A 90 -14.72 -15.09 -25.09
C ALA A 90 -15.40 -13.73 -25.14
N LYS A 91 -16.04 -13.42 -26.26
CA LYS A 91 -16.74 -12.15 -26.35
C LYS A 91 -18.01 -12.37 -25.57
N ASP A 92 -18.78 -11.31 -25.34
CA ASP A 92 -19.99 -11.43 -24.51
C ASP A 92 -19.34 -11.35 -23.13
N THR A 93 -19.48 -12.41 -22.35
CA THR A 93 -18.86 -12.51 -21.04
C THR A 93 -19.16 -11.47 -19.96
N ASN A 94 -18.51 -10.31 -20.05
CA ASN A 94 -18.63 -9.22 -19.06
C ASN A 94 -17.55 -9.45 -18.01
N LEU A 95 -16.37 -8.90 -18.28
CA LEU A 95 -15.22 -9.04 -17.40
C LEU A 95 -15.45 -8.58 -15.96
N ASN A 96 -15.96 -7.36 -15.80
CA ASN A 96 -16.19 -6.81 -14.47
C ASN A 96 -17.02 -7.64 -13.50
N LYS A 97 -17.81 -8.58 -14.02
CA LYS A 97 -18.62 -9.44 -13.15
C LYS A 97 -17.72 -10.49 -12.50
N VAL A 98 -16.81 -11.05 -13.30
CA VAL A 98 -15.87 -12.06 -12.83
C VAL A 98 -14.96 -11.39 -11.81
N ARG A 99 -14.45 -10.22 -12.21
CA ARG A 99 -13.56 -9.43 -11.38
C ARG A 99 -14.01 -9.32 -9.93
N GLU A 100 -15.30 -9.10 -9.73
CA GLU A 100 -15.81 -8.94 -8.38
C GLU A 100 -16.16 -10.17 -7.56
N GLU A 101 -16.05 -11.36 -8.12
CA GLU A 101 -16.31 -12.56 -7.32
C GLU A 101 -14.98 -13.26 -7.03
N VAL A 102 -13.90 -12.55 -7.33
CA VAL A 102 -12.54 -13.03 -7.12
C VAL A 102 -11.80 -11.97 -6.28
N GLY A 103 -11.49 -12.29 -5.04
CA GLY A 103 -10.77 -11.34 -4.21
C GLY A 103 -9.28 -11.65 -4.25
N MET A 104 -8.46 -10.66 -3.88
CA MET A 104 -7.01 -10.87 -3.87
C MET A 104 -6.26 -10.09 -2.78
N VAL A 105 -5.31 -10.79 -2.18
CA VAL A 105 -4.47 -10.23 -1.12
C VAL A 105 -3.03 -10.37 -1.58
N PHE A 106 -2.32 -9.24 -1.58
CA PHE A 106 -0.94 -9.22 -2.07
C PHE A 106 0.07 -9.29 -0.92
N GLN A 107 1.35 -9.46 -1.27
CA GLN A 107 2.42 -9.57 -0.29
C GLN A 107 2.51 -8.27 0.49
N ARG A 108 2.34 -7.17 -0.23
CA ARG A 108 2.42 -5.89 0.40
C ARG A 108 1.20 -5.07 0.07
N PHE A 109 1.13 -3.90 0.69
N PHE A 109 1.00 -3.99 0.81
CA PHE A 109 0.09 -2.92 0.48
CA PHE A 109 -0.11 -3.10 0.54
C PHE A 109 -1.34 -3.39 0.78
C PHE A 109 -1.52 -3.72 0.45
N ASN A 110 -2.27 -3.18 -0.14
N ASN A 110 -2.36 -2.95 -0.22
CA ASN A 110 -3.68 -3.59 0.03
CA ASN A 110 -3.76 -3.12 -0.53
C ASN A 110 -4.55 -2.58 0.80
C ASN A 110 -4.63 -2.28 0.37
N LEU A 111 -3.99 -1.43 1.17
CA LEU A 111 -4.74 -0.49 1.99
C LEU A 111 -4.50 0.95 1.53
N PHE A 112 -5.52 1.78 1.64
CA PHE A 112 -5.41 3.19 1.28
C PHE A 112 -4.90 3.89 2.53
N PRO A 113 -3.67 4.40 2.47
CA PRO A 113 -3.16 5.07 3.68
C PRO A 113 -3.88 6.36 4.04
N HIS A 114 -4.59 6.96 3.09
CA HIS A 114 -5.28 8.22 3.34
C HIS A 114 -6.69 8.11 3.91
N MET A 115 -7.18 6.90 4.12
CA MET A 115 -8.51 6.73 4.70
C MET A 115 -8.51 5.72 5.84
N THR A 116 -9.55 5.78 6.67
CA THR A 116 -9.68 4.90 7.80
C THR A 116 -9.82 3.45 7.39
N VAL A 117 -9.59 2.56 8.35
CA VAL A 117 -9.70 1.14 8.14
C VAL A 117 -11.10 0.86 7.61
N LEU A 118 -12.10 1.41 8.30
CA LEU A 118 -13.49 1.25 7.93
C LEU A 118 -13.76 1.68 6.47
N ASN A 119 -13.34 2.89 6.11
CA ASN A 119 -13.57 3.38 4.75
C ASN A 119 -12.82 2.55 3.71
N ASN A 120 -11.70 1.94 4.11
CA ASN A 120 -10.94 1.08 3.20
C ASN A 120 -11.80 -0.12 2.81
N ILE A 121 -12.51 -0.67 3.78
CA ILE A 121 -13.37 -1.83 3.59
C ILE A 121 -14.71 -1.59 2.85
N THR A 122 -15.31 -0.41 2.99
CA THR A 122 -16.60 -0.15 2.37
C THR A 122 -16.56 0.51 0.99
N LEU A 123 -15.40 1.02 0.60
CA LEU A 123 -15.22 1.70 -0.69
C LEU A 123 -15.78 0.91 -1.87
N ALA A 124 -15.24 -0.30 -2.09
CA ALA A 124 -15.70 -1.14 -3.20
C ALA A 124 -17.15 -1.61 -3.07
N PRO A 125 -17.58 -2.02 -1.87
CA PRO A 125 -18.98 -2.47 -1.75
C PRO A 125 -20.01 -1.37 -2.04
N MET A 126 -19.66 -0.11 -1.77
CA MET A 126 -20.57 1.00 -2.03
C MET A 126 -20.53 1.41 -3.49
N LYS A 127 -19.32 1.64 -3.99
CA LYS A 127 -19.15 2.05 -5.36
C LYS A 127 -19.56 0.99 -6.38
N VAL A 128 -19.16 -0.26 -6.14
CA VAL A 128 -19.47 -1.35 -7.05
C VAL A 128 -20.81 -2.07 -6.80
N ARG A 129 -21.24 -2.17 -5.55
CA ARG A 129 -22.51 -2.83 -5.28
C ARG A 129 -23.63 -1.86 -4.88
N LYS A 130 -23.32 -0.57 -4.94
CA LYS A 130 -24.28 0.49 -4.59
C LYS A 130 -24.99 0.25 -3.26
N TRP A 131 -24.26 -0.25 -2.27
CA TRP A 131 -24.83 -0.47 -0.94
C TRP A 131 -24.86 0.85 -0.17
N PRO A 132 -25.95 1.13 0.55
CA PRO A 132 -26.01 2.37 1.32
C PRO A 132 -24.89 2.30 2.36
N ARG A 133 -24.29 3.43 2.70
CA ARG A 133 -23.19 3.45 3.67
C ARG A 133 -23.47 2.69 4.97
N GLU A 134 -24.67 2.84 5.51
CA GLU A 134 -25.01 2.18 6.76
C GLU A 134 -24.88 0.67 6.65
N LYS A 135 -25.36 0.12 5.54
CA LYS A 135 -25.31 -1.32 5.32
C LYS A 135 -23.87 -1.78 5.14
N ALA A 136 -23.15 -1.10 4.24
CA ALA A 136 -21.76 -1.42 3.99
C ALA A 136 -20.96 -1.41 5.30
N GLU A 137 -21.17 -0.39 6.13
CA GLU A 137 -20.44 -0.29 7.39
C GLU A 137 -20.80 -1.38 8.38
N ALA A 138 -22.07 -1.73 8.48
CA ALA A 138 -22.50 -2.77 9.42
C ALA A 138 -21.80 -4.06 9.06
N LYS A 139 -21.67 -4.31 7.76
CA LYS A 139 -21.01 -5.52 7.31
C LYS A 139 -19.50 -5.43 7.49
N ALA A 140 -18.96 -4.22 7.31
CA ALA A 140 -17.51 -4.02 7.48
C ALA A 140 -17.18 -4.29 8.95
N MET A 141 -17.99 -3.72 9.84
CA MET A 141 -17.79 -3.89 11.28
C MET A 141 -17.79 -5.37 11.64
N GLU A 142 -18.69 -6.12 11.04
CA GLU A 142 -18.81 -7.55 11.27
C GLU A 142 -17.50 -8.23 10.86
N LEU A 143 -17.07 -8.00 9.63
CA LEU A 143 -15.83 -8.57 9.13
C LEU A 143 -14.64 -8.16 10.00
N LEU A 144 -14.53 -6.89 10.32
CA LEU A 144 -13.45 -6.43 11.16
C LEU A 144 -13.47 -7.16 12.49
N ASP A 145 -14.67 -7.42 13.00
CA ASP A 145 -14.81 -8.10 14.27
C ASP A 145 -14.32 -9.54 14.13
N LYS A 146 -14.70 -10.18 13.03
CA LYS A 146 -14.26 -11.56 12.80
C LYS A 146 -12.75 -11.73 12.61
N VAL A 147 -12.02 -10.65 12.42
CA VAL A 147 -10.56 -10.76 12.29
C VAL A 147 -9.90 -10.17 13.53
N GLY A 148 -10.74 -9.89 14.53
CA GLY A 148 -10.28 -9.36 15.80
C GLY A 148 -9.82 -7.92 15.78
N LEU A 149 -10.38 -7.11 14.88
CA LEU A 149 -9.95 -5.71 14.81
C LEU A 149 -11.07 -4.69 14.71
N LYS A 150 -12.25 -5.03 15.22
CA LYS A 150 -13.38 -4.10 15.15
C LYS A 150 -13.04 -2.74 15.77
N ASP A 151 -12.14 -2.72 16.75
CA ASP A 151 -11.75 -1.49 17.40
C ASP A 151 -10.78 -0.63 16.59
N LYS A 152 -10.36 -1.11 15.43
CA LYS A 152 -9.44 -0.35 14.57
C LYS A 152 -10.23 0.36 13.46
N ALA A 153 -11.55 0.22 13.50
CA ALA A 153 -12.43 0.80 12.48
C ALA A 153 -12.11 2.22 12.04
N HIS A 154 -11.96 3.13 13.00
CA HIS A 154 -11.71 4.52 12.65
C HIS A 154 -10.26 4.95 12.68
N ALA A 155 -9.36 3.99 12.84
CA ALA A 155 -7.93 4.30 12.84
C ALA A 155 -7.45 4.31 11.39
N TYR A 156 -6.31 4.95 11.17
CA TYR A 156 -5.73 5.00 9.84
C TYR A 156 -4.73 3.85 9.78
N PRO A 157 -4.42 3.37 8.57
CA PRO A 157 -3.49 2.28 8.38
C PRO A 157 -2.10 2.43 9.01
N ASP A 158 -1.60 3.66 9.16
CA ASP A 158 -0.27 3.87 9.72
C ASP A 158 -0.06 3.35 11.16
N SER A 159 -1.13 3.33 11.94
CA SER A 159 -1.09 2.89 13.33
C SER A 159 -1.12 1.38 13.49
N LEU A 160 -1.46 0.67 12.41
CA LEU A 160 -1.55 -0.78 12.46
C LEU A 160 -0.21 -1.45 12.33
N SER A 161 -0.10 -2.65 12.89
CA SER A 161 1.12 -3.42 12.78
C SER A 161 0.98 -4.21 11.47
N GLY A 162 2.04 -4.91 11.09
CA GLY A 162 2.00 -5.68 9.85
C GLY A 162 0.92 -6.74 9.89
N GLY A 163 0.83 -7.45 11.01
CA GLY A 163 -0.18 -8.48 11.16
C GLY A 163 -1.63 -7.96 11.12
N GLN A 164 -1.87 -6.77 11.66
CA GLN A 164 -3.23 -6.22 11.67
C GLN A 164 -3.57 -5.70 10.26
N ALA A 165 -2.62 -4.99 9.67
CA ALA A 165 -2.79 -4.42 8.34
C ALA A 165 -3.18 -5.50 7.33
N GLN A 166 -2.47 -6.62 7.35
CA GLN A 166 -2.77 -7.69 6.42
C GLN A 166 -4.14 -8.32 6.74
N ARG A 167 -4.55 -8.30 8.00
CA ARG A 167 -5.87 -8.86 8.32
C ARG A 167 -6.93 -7.90 7.76
N VAL A 168 -6.68 -6.59 7.86
CA VAL A 168 -7.64 -5.62 7.34
C VAL A 168 -7.72 -5.79 5.82
N ALA A 169 -6.57 -6.01 5.19
CA ALA A 169 -6.52 -6.21 3.75
C ALA A 169 -7.36 -7.44 3.33
N ILE A 170 -7.41 -8.44 4.20
CA ILE A 170 -8.20 -9.62 3.89
C ILE A 170 -9.67 -9.26 4.08
N ALA A 171 -9.95 -8.49 5.13
CA ALA A 171 -11.32 -8.07 5.42
C ALA A 171 -11.86 -7.24 4.26
N ARG A 172 -11.00 -6.43 3.66
CA ARG A 172 -11.41 -5.61 2.54
C ARG A 172 -11.74 -6.46 1.32
N ALA A 173 -10.91 -7.45 1.02
CA ALA A 173 -11.19 -8.30 -0.14
C ALA A 173 -12.45 -9.11 0.13
N LEU A 174 -12.62 -9.57 1.36
CA LEU A 174 -13.82 -10.34 1.72
C LEU A 174 -15.12 -9.52 1.70
N ALA A 175 -15.02 -8.21 1.94
CA ALA A 175 -16.20 -7.36 1.96
C ALA A 175 -17.01 -7.40 0.66
N MET A 176 -16.35 -7.72 -0.46
CA MET A 176 -17.02 -7.81 -1.76
C MET A 176 -17.72 -9.15 -1.92
N GLU A 177 -17.59 -10.00 -0.90
CA GLU A 177 -18.19 -11.32 -0.89
C GLU A 177 -17.82 -12.14 -2.13
N PRO A 178 -16.52 -12.37 -2.36
CA PRO A 178 -16.05 -13.14 -3.51
C PRO A 178 -16.28 -14.64 -3.32
N LYS A 179 -16.17 -15.42 -4.39
CA LYS A 179 -16.35 -16.88 -4.32
C LYS A 179 -14.96 -17.52 -4.39
N ILE A 180 -13.98 -16.73 -4.82
CA ILE A 180 -12.61 -17.20 -4.96
C ILE A 180 -11.68 -16.19 -4.28
N MET A 181 -10.76 -16.68 -3.46
CA MET A 181 -9.81 -15.81 -2.79
C MET A 181 -8.41 -16.19 -3.23
N LEU A 182 -7.68 -15.20 -3.75
CA LEU A 182 -6.32 -15.41 -4.22
C LEU A 182 -5.38 -14.72 -3.24
N PHE A 183 -4.28 -15.39 -2.91
CA PHE A 183 -3.27 -14.88 -1.96
C PHE A 183 -1.87 -15.00 -2.53
N ASP A 184 -1.20 -13.87 -2.72
CA ASP A 184 0.15 -13.91 -3.23
C ASP A 184 1.13 -13.63 -2.09
N GLU A 185 1.64 -14.69 -1.49
CA GLU A 185 2.59 -14.60 -0.39
C GLU A 185 2.15 -13.53 0.64
N PRO A 186 0.92 -13.66 1.17
CA PRO A 186 0.38 -12.70 2.14
C PRO A 186 1.17 -12.45 3.43
N THR A 187 2.02 -13.40 3.82
CA THR A 187 2.80 -13.24 5.06
C THR A 187 4.32 -13.25 4.86
N SER A 188 4.80 -13.40 3.62
CA SER A 188 6.24 -13.48 3.43
C SER A 188 6.98 -12.24 3.91
N ALA A 189 6.36 -11.06 3.77
CA ALA A 189 7.02 -9.83 4.23
C ALA A 189 6.79 -9.48 5.71
N LEU A 190 6.12 -10.37 6.46
CA LEU A 190 5.85 -10.10 7.87
C LEU A 190 6.93 -10.65 8.82
N ASP A 191 7.02 -10.05 10.00
CA ASP A 191 7.94 -10.54 11.01
C ASP A 191 7.31 -11.84 11.45
N PRO A 192 8.13 -12.86 11.72
CA PRO A 192 7.61 -14.17 12.14
C PRO A 192 6.49 -14.12 13.17
N GLU A 193 6.60 -13.20 14.13
CA GLU A 193 5.59 -13.06 15.18
C GLU A 193 4.21 -12.70 14.63
N MET A 194 4.18 -11.98 13.51
CA MET A 194 2.94 -11.52 12.89
C MET A 194 2.28 -12.51 11.95
N VAL A 195 3.05 -13.51 11.50
CA VAL A 195 2.56 -14.53 10.58
C VAL A 195 1.32 -15.27 11.06
N GLY A 196 1.40 -15.83 12.26
CA GLY A 196 0.29 -16.59 12.80
C GLY A 196 -1.09 -15.95 12.74
N GLU A 197 -1.22 -14.74 13.26
CA GLU A 197 -2.53 -14.08 13.24
C GLU A 197 -3.10 -14.01 11.83
N VAL A 198 -2.22 -13.85 10.84
CA VAL A 198 -2.68 -13.79 9.45
C VAL A 198 -3.06 -15.17 8.93
N LEU A 199 -2.22 -16.18 9.18
CA LEU A 199 -2.52 -17.53 8.74
C LEU A 199 -3.83 -18.04 9.36
N SER A 200 -4.09 -17.70 10.62
CA SER A 200 -5.33 -18.16 11.28
C SER A 200 -6.58 -17.75 10.48
N VAL A 201 -6.64 -16.48 10.10
CA VAL A 201 -7.78 -15.98 9.31
C VAL A 201 -7.91 -16.79 8.02
N MET A 202 -6.77 -17.10 7.39
CA MET A 202 -6.79 -17.86 6.15
C MET A 202 -7.31 -19.28 6.36
N LYS A 203 -6.95 -19.88 7.50
CA LYS A 203 -7.40 -21.23 7.80
C LYS A 203 -8.90 -21.23 8.03
N GLN A 204 -9.41 -20.21 8.71
CA GLN A 204 -10.85 -20.10 8.97
C GLN A 204 -11.55 -19.94 7.63
N LEU A 205 -10.96 -19.14 6.75
CA LEU A 205 -11.52 -18.92 5.43
C LEU A 205 -11.51 -20.28 4.72
N ALA A 206 -10.47 -21.08 4.96
CA ALA A 206 -10.37 -22.40 4.35
C ALA A 206 -11.38 -23.35 4.98
N ASN A 207 -11.45 -23.33 6.31
CA ASN A 207 -12.38 -24.20 7.03
C ASN A 207 -13.82 -23.94 6.63
N GLU A 208 -14.09 -22.71 6.19
CA GLU A 208 -15.44 -22.34 5.79
C GLU A 208 -15.77 -22.62 4.32
N GLY A 209 -14.96 -23.43 3.65
CA GLY A 209 -15.25 -23.79 2.27
C GLY A 209 -14.92 -22.85 1.11
N MET A 210 -14.23 -21.76 1.38
CA MET A 210 -13.87 -20.83 0.29
C MET A 210 -12.94 -21.50 -0.72
N THR A 211 -12.97 -21.04 -1.96
CA THR A 211 -12.09 -21.61 -2.97
C THR A 211 -10.88 -20.69 -2.90
N MET A 212 -9.73 -21.27 -2.56
CA MET A 212 -8.52 -20.50 -2.41
C MET A 212 -7.30 -20.96 -3.20
N VAL A 213 -6.54 -19.99 -3.68
CA VAL A 213 -5.31 -20.28 -4.40
C VAL A 213 -4.33 -19.48 -3.55
N VAL A 214 -3.36 -20.14 -2.95
CA VAL A 214 -2.43 -19.41 -2.10
C VAL A 214 -0.97 -19.65 -2.43
N VAL A 215 -0.28 -18.61 -2.89
CA VAL A 215 1.14 -18.72 -3.18
C VAL A 215 1.81 -18.43 -1.83
N THR A 216 2.38 -19.46 -1.22
CA THR A 216 3.02 -19.30 0.08
C THR A 216 4.08 -20.37 0.29
N HIS A 217 5.05 -20.05 1.14
CA HIS A 217 6.11 -21.00 1.49
C HIS A 217 6.02 -21.36 2.96
N GLU A 218 4.82 -21.17 3.53
CA GLU A 218 4.55 -21.52 4.92
C GLU A 218 4.09 -22.99 4.89
N MET A 219 5.03 -23.90 5.12
CA MET A 219 4.75 -25.32 5.08
C MET A 219 3.57 -25.68 5.99
N GLY A 220 3.63 -25.23 7.24
CA GLY A 220 2.57 -25.52 8.19
C GLY A 220 1.17 -25.30 7.64
N PHE A 221 0.91 -24.12 7.09
CA PHE A 221 -0.41 -23.82 6.53
C PHE A 221 -0.77 -24.84 5.45
N ALA A 222 0.16 -25.08 4.53
CA ALA A 222 -0.07 -26.02 3.44
C ALA A 222 -0.55 -27.38 3.93
N ARG A 223 0.18 -27.93 4.89
CA ARG A 223 -0.14 -29.24 5.47
C ARG A 223 -1.49 -29.29 6.17
N GLU A 224 -1.83 -28.22 6.89
CA GLU A 224 -3.08 -28.23 7.64
C GLU A 224 -4.37 -28.02 6.87
N VAL A 225 -4.39 -27.10 5.91
CA VAL A 225 -5.63 -26.86 5.17
C VAL A 225 -5.52 -26.97 3.66
N GLY A 226 -4.30 -27.13 3.15
CA GLY A 226 -4.13 -27.24 1.72
C GLY A 226 -4.64 -28.57 1.20
N ASP A 227 -5.45 -28.54 0.16
CA ASP A 227 -5.98 -29.77 -0.41
C ASP A 227 -4.94 -30.35 -1.37
N ARG A 228 -4.25 -29.45 -2.07
CA ARG A 228 -3.28 -29.83 -3.07
C ARG A 228 -2.21 -28.75 -3.25
N VAL A 229 -0.98 -29.18 -3.48
CA VAL A 229 0.15 -28.27 -3.68
C VAL A 229 0.68 -28.40 -5.11
N LEU A 230 0.84 -27.28 -5.79
CA LEU A 230 1.38 -27.27 -7.14
C LEU A 230 2.75 -26.63 -7.06
N PHE A 231 3.75 -27.28 -7.63
CA PHE A 231 5.09 -26.73 -7.62
C PHE A 231 5.36 -26.15 -8.99
N MET A 232 5.61 -24.84 -9.05
CA MET A 232 5.91 -24.17 -10.31
C MET A 232 7.38 -23.85 -10.42
N ASP A 233 7.93 -24.02 -11.60
CA ASP A 233 9.34 -23.75 -11.82
C ASP A 233 9.62 -23.52 -13.30
N GLY A 234 10.31 -22.44 -13.61
CA GLY A 234 10.63 -22.13 -15.00
C GLY A 234 9.45 -22.00 -15.94
N GLY A 235 8.30 -21.58 -15.41
CA GLY A 235 7.12 -21.39 -16.27
C GLY A 235 6.20 -22.59 -16.42
N TYR A 236 6.51 -23.68 -15.74
CA TYR A 236 5.70 -24.90 -15.80
C TYR A 236 5.28 -25.36 -14.40
N ILE A 237 4.29 -26.24 -14.36
CA ILE A 237 3.86 -26.86 -13.11
C ILE A 237 4.63 -28.17 -13.21
N ILE A 238 5.75 -28.27 -12.51
CA ILE A 238 6.59 -29.46 -12.56
C ILE A 238 6.01 -30.67 -11.83
N GLU A 239 5.23 -30.44 -10.78
CA GLU A 239 4.65 -31.53 -10.03
C GLU A 239 3.46 -31.08 -9.17
N GLU A 240 2.59 -32.02 -8.83
CA GLU A 240 1.41 -31.77 -8.01
C GLU A 240 1.27 -32.84 -6.97
N GLY A 241 0.36 -32.65 -6.03
CA GLY A 241 0.13 -33.66 -5.01
C GLY A 241 -0.50 -33.17 -3.72
N LYS A 242 -0.93 -34.12 -2.89
CA LYS A 242 -1.48 -33.78 -1.60
C LYS A 242 -0.29 -33.23 -0.83
N PRO A 243 -0.49 -32.18 -0.03
CA PRO A 243 0.56 -31.53 0.78
C PRO A 243 1.69 -32.44 1.29
N GLU A 244 1.36 -33.42 2.14
CA GLU A 244 2.39 -34.28 2.70
C GLU A 244 3.09 -35.16 1.66
N ASP A 245 2.39 -35.54 0.61
CA ASP A 245 3.01 -36.36 -0.44
C ASP A 245 4.10 -35.58 -1.14
N LEU A 246 3.81 -34.33 -1.48
CA LEU A 246 4.79 -33.52 -2.20
C LEU A 246 5.94 -33.05 -1.31
N PHE A 247 5.62 -32.61 -0.11
CA PHE A 247 6.66 -32.13 0.80
C PHE A 247 7.57 -33.27 1.28
N ASP A 248 6.98 -34.38 1.69
CA ASP A 248 7.75 -35.49 2.22
C ASP A 248 8.20 -36.55 1.22
N ARG A 249 7.44 -36.74 0.15
CA ARG A 249 7.78 -37.75 -0.86
C ARG A 249 7.86 -37.16 -2.27
N PRO A 250 8.58 -36.05 -2.44
CA PRO A 250 8.69 -35.44 -3.77
C PRO A 250 9.10 -36.47 -4.82
N GLN A 251 8.38 -36.48 -5.94
CA GLN A 251 8.66 -37.45 -6.98
C GLN A 251 9.56 -36.93 -8.11
N HIS A 252 9.58 -35.62 -8.31
CA HIS A 252 10.41 -35.04 -9.37
C HIS A 252 11.69 -34.46 -8.81
N GLU A 253 12.79 -34.67 -9.53
CA GLU A 253 14.08 -34.17 -9.10
C GLU A 253 14.10 -32.67 -8.80
N ARG A 254 13.44 -31.87 -9.64
CA ARG A 254 13.43 -30.42 -9.46
C ARG A 254 12.71 -30.02 -8.20
N THR A 255 11.66 -30.75 -7.87
CA THR A 255 10.91 -30.44 -6.66
C THR A 255 11.83 -30.66 -5.44
N LYS A 256 12.49 -31.82 -5.39
CA LYS A 256 13.40 -32.13 -4.28
C LYS A 256 14.47 -31.07 -4.10
N ALA A 257 15.04 -30.60 -5.21
CA ALA A 257 16.09 -29.59 -5.17
C ALA A 257 15.55 -28.29 -4.60
N PHE A 258 14.39 -27.87 -5.08
CA PHE A 258 13.80 -26.65 -4.58
C PHE A 258 13.39 -26.77 -3.11
N LEU A 259 12.79 -27.90 -2.74
CA LEU A 259 12.37 -28.06 -1.35
C LEU A 259 13.54 -27.99 -0.36
N SER A 260 14.70 -28.50 -0.76
CA SER A 260 15.89 -28.52 0.10
C SER A 260 16.55 -27.14 0.21
N LYS A 261 16.03 -26.17 -0.53
CA LYS A 261 16.55 -24.82 -0.50
C LYS A 261 15.64 -23.95 0.36
N VAL A 262 14.53 -24.54 0.78
CA VAL A 262 13.57 -23.80 1.56
C VAL A 262 13.23 -24.39 2.92
N PHE A 263 12.94 -25.68 2.94
CA PHE A 263 12.52 -26.35 4.16
C PHE A 263 13.56 -27.27 4.76
N LEU B 22 4.01 36.36 -0.37
CA LEU B 22 2.75 35.60 -0.64
C LEU B 22 2.40 34.58 0.46
N GLN B 23 3.33 33.67 0.73
CA GLN B 23 3.15 32.64 1.77
C GLN B 23 2.38 31.40 1.28
N MET B 24 3.07 30.26 1.24
CA MET B 24 2.50 29.01 0.77
C MET B 24 1.44 28.37 1.66
N ILE B 25 1.76 28.18 2.94
CA ILE B 25 0.82 27.57 3.87
C ILE B 25 0.58 28.51 5.03
N ASP B 26 -0.68 28.84 5.26
CA ASP B 26 -1.04 29.76 6.34
C ASP B 26 -2.04 29.07 7.25
N VAL B 27 -1.71 28.97 8.55
CA VAL B 27 -2.61 28.31 9.50
C VAL B 27 -2.79 29.10 10.79
N HIS B 28 -3.93 29.78 10.92
CA HIS B 28 -4.25 30.57 12.12
C HIS B 28 -5.02 29.73 13.14
N GLN B 29 -4.51 29.68 14.36
CA GLN B 29 -5.12 28.91 15.44
C GLN B 29 -6.01 27.76 14.97
N LEU B 30 -5.38 26.78 14.33
CA LEU B 30 -6.07 25.60 13.83
C LEU B 30 -6.39 24.67 14.98
N LYS B 31 -7.65 24.27 15.08
CA LYS B 31 -8.07 23.35 16.13
C LYS B 31 -8.84 22.19 15.52
N LYS B 32 -8.59 20.99 16.05
CA LYS B 32 -9.25 19.79 15.57
C LYS B 32 -9.64 18.90 16.73
N SER B 33 -10.83 18.33 16.64
CA SER B 33 -11.32 17.45 17.68
C SER B 33 -12.06 16.27 17.07
N PHE B 34 -11.80 15.09 17.62
CA PHE B 34 -12.47 13.88 17.18
C PHE B 34 -13.47 13.56 18.28
N GLY B 35 -14.65 14.15 18.15
CA GLY B 35 -15.69 13.97 19.15
C GLY B 35 -15.41 15.00 20.22
N SER B 36 -15.22 14.54 21.44
CA SER B 36 -14.92 15.45 22.55
C SER B 36 -13.46 15.28 22.94
N LEU B 37 -12.68 14.76 22.00
CA LEU B 37 -11.26 14.55 22.19
C LEU B 37 -10.49 15.51 21.28
N GLU B 38 -9.87 16.51 21.88
CA GLU B 38 -9.11 17.52 21.13
C GLU B 38 -7.71 17.02 20.74
N VAL B 39 -7.50 16.88 19.42
CA VAL B 39 -6.22 16.42 18.89
C VAL B 39 -5.27 17.60 18.67
N LEU B 40 -5.70 18.59 17.90
CA LEU B 40 -4.90 19.79 17.67
C LEU B 40 -5.47 20.93 18.52
N LYS B 41 -4.79 21.21 19.64
CA LYS B 41 -5.20 22.24 20.60
C LYS B 41 -4.97 23.70 20.15
N GLY B 42 -4.98 23.94 18.85
CA GLY B 42 -4.76 25.28 18.36
C GLY B 42 -3.30 25.50 18.04
N ILE B 43 -2.95 25.53 16.76
CA ILE B 43 -1.56 25.72 16.37
C ILE B 43 -1.49 26.75 15.25
N ASN B 44 -0.41 27.52 15.25
CA ASN B 44 -0.20 28.54 14.23
C ASN B 44 1.04 28.26 13.42
N VAL B 45 0.91 28.31 12.11
CA VAL B 45 2.03 28.05 11.23
C VAL B 45 1.96 28.83 9.94
N HIS B 46 3.11 29.34 9.52
CA HIS B 46 3.19 30.09 8.28
C HIS B 46 4.43 29.64 7.55
N ILE B 47 4.21 29.04 6.39
CA ILE B 47 5.29 28.51 5.57
C ILE B 47 5.29 29.19 4.21
N ARG B 48 6.41 29.78 3.85
CA ARG B 48 6.50 30.45 2.57
C ARG B 48 7.16 29.59 1.51
N GLU B 49 6.88 29.94 0.26
CA GLU B 49 7.38 29.25 -0.90
C GLU B 49 8.87 28.97 -0.78
N GLY B 50 9.24 27.70 -0.92
CA GLY B 50 10.65 27.31 -0.83
C GLY B 50 11.09 26.76 0.51
N GLU B 51 10.23 26.87 1.51
CA GLU B 51 10.56 26.39 2.85
C GLU B 51 10.43 24.88 3.08
N VAL B 52 11.34 24.37 3.91
CA VAL B 52 11.38 22.98 4.31
C VAL B 52 11.21 22.99 5.81
N VAL B 53 10.00 22.69 6.27
CA VAL B 53 9.71 22.65 7.70
C VAL B 53 9.60 21.20 8.17
N VAL B 54 10.43 20.87 9.15
CA VAL B 54 10.44 19.53 9.73
C VAL B 54 9.57 19.56 10.98
N VAL B 55 8.72 18.54 11.12
CA VAL B 55 7.84 18.46 12.27
C VAL B 55 8.21 17.22 13.05
N ILE B 56 8.65 17.43 14.29
CA ILE B 56 9.02 16.30 15.13
C ILE B 56 8.16 16.27 16.37
N GLY B 57 8.14 15.14 17.07
CA GLY B 57 7.35 15.03 18.26
C GLY B 57 6.92 13.60 18.59
N PRO B 58 6.56 13.34 19.85
CA PRO B 58 6.14 12.00 20.26
C PRO B 58 4.86 11.58 19.53
N SER B 59 4.60 10.28 19.51
CA SER B 59 3.41 9.77 18.86
C SER B 59 2.19 10.24 19.63
N GLY B 60 1.12 10.53 18.91
CA GLY B 60 -0.08 10.99 19.55
C GLY B 60 0.09 12.45 19.93
N SER B 61 0.51 13.26 18.97
CA SER B 61 0.70 14.68 19.20
C SER B 61 -0.01 15.47 18.13
N GLY B 62 -0.58 14.75 17.17
CA GLY B 62 -1.31 15.39 16.10
C GLY B 62 -0.50 15.71 14.87
N LYS B 63 0.70 15.13 14.77
CA LYS B 63 1.52 15.38 13.60
C LYS B 63 0.76 14.92 12.35
N SER B 64 0.30 13.67 12.34
CA SER B 64 -0.43 13.15 11.18
C SER B 64 -1.75 13.87 10.90
N THR B 65 -2.55 14.10 11.94
CA THR B 65 -3.82 14.80 11.80
C THR B 65 -3.55 16.13 11.09
N PHE B 66 -2.51 16.82 11.53
CA PHE B 66 -2.12 18.09 10.95
C PHE B 66 -1.86 17.98 9.44
N LEU B 67 -1.09 16.96 9.04
CA LEU B 67 -0.83 16.78 7.61
C LEU B 67 -2.09 16.51 6.80
N ARG B 68 -2.97 15.66 7.34
CA ARG B 68 -4.21 15.32 6.65
C ARG B 68 -5.07 16.58 6.47
N CYS B 69 -4.97 17.53 7.39
CA CYS B 69 -5.75 18.76 7.25
C CYS B 69 -5.21 19.57 6.07
N LEU B 70 -3.91 19.71 5.99
CA LEU B 70 -3.27 20.46 4.93
C LEU B 70 -3.54 19.82 3.56
N ASN B 71 -3.77 18.51 3.55
CA ASN B 71 -4.00 17.78 2.30
C ASN B 71 -5.49 17.48 2.08
N LEU B 72 -6.37 18.27 2.68
CA LEU B 72 -7.82 18.11 2.55
C LEU B 72 -8.31 16.72 2.92
N LEU B 73 -7.42 15.88 3.44
CA LEU B 73 -7.79 14.51 3.82
C LEU B 73 -8.70 14.49 5.03
N GLU B 74 -8.67 15.54 5.82
CA GLU B 74 -9.51 15.59 7.00
C GLU B 74 -10.04 17.00 7.25
N ASP B 75 -11.10 17.09 8.04
CA ASP B 75 -11.71 18.36 8.34
C ASP B 75 -11.28 18.94 9.68
N PHE B 76 -11.20 20.26 9.74
CA PHE B 76 -10.81 20.94 10.97
C PHE B 76 -11.95 21.81 11.49
N ASP B 77 -12.03 21.91 12.81
CA ASP B 77 -13.09 22.67 13.47
C ASP B 77 -12.94 24.19 13.42
N GLU B 78 -11.91 24.72 14.07
CA GLU B 78 -11.68 26.16 14.10
C GLU B 78 -10.47 26.60 13.30
N GLY B 79 -10.13 27.88 13.43
CA GLY B 79 -8.99 28.42 12.72
C GLY B 79 -9.22 28.41 11.23
N GLU B 80 -8.24 28.87 10.48
CA GLU B 80 -8.35 28.90 9.04
C GLU B 80 -7.09 28.29 8.43
N ILE B 81 -7.17 27.95 7.16
CA ILE B 81 -6.04 27.37 6.44
C ILE B 81 -6.09 27.86 5.01
N ILE B 82 -4.95 28.33 4.49
CA ILE B 82 -4.89 28.82 3.12
C ILE B 82 -3.66 28.26 2.38
N ILE B 83 -3.93 27.43 1.38
CA ILE B 83 -2.87 26.82 0.60
C ILE B 83 -2.70 27.58 -0.73
N ASP B 84 -1.63 28.35 -0.84
CA ASP B 84 -1.36 29.14 -2.04
C ASP B 84 -2.59 29.97 -2.38
N GLY B 85 -2.87 30.96 -1.54
CA GLY B 85 -4.01 31.83 -1.78
C GLY B 85 -5.35 31.22 -1.45
N ILE B 86 -5.59 29.99 -1.91
CA ILE B 86 -6.87 29.33 -1.66
C ILE B 86 -7.10 29.08 -0.18
N ASN B 87 -8.25 29.54 0.32
CA ASN B 87 -8.63 29.35 1.71
C ASN B 87 -9.42 28.06 1.73
N LEU B 88 -8.78 26.97 2.14
CA LEU B 88 -9.38 25.65 2.16
C LEU B 88 -10.89 25.50 2.40
N LYS B 89 -11.50 26.34 3.21
CA LYS B 89 -12.94 26.20 3.42
C LYS B 89 -13.70 27.45 2.97
N ALA B 90 -13.33 27.96 1.80
CA ALA B 90 -13.95 29.15 1.22
C ALA B 90 -15.02 28.81 0.19
N LYS B 91 -16.25 29.24 0.50
CA LYS B 91 -17.43 29.03 -0.32
C LYS B 91 -17.27 28.47 -1.73
N ASP B 92 -17.19 29.33 -2.74
CA ASP B 92 -17.08 28.83 -4.10
C ASP B 92 -15.75 28.15 -4.40
N THR B 93 -15.61 26.99 -3.75
CA THR B 93 -14.48 26.10 -3.82
C THR B 93 -13.53 26.17 -5.01
N ASN B 94 -12.26 26.08 -4.68
CA ASN B 94 -11.16 26.05 -5.62
C ASN B 94 -10.25 25.01 -4.99
N LEU B 95 -10.85 24.19 -4.12
CA LEU B 95 -10.14 23.13 -3.41
C LEU B 95 -10.28 21.72 -3.98
N ASN B 96 -9.52 21.47 -5.04
CA ASN B 96 -9.45 20.20 -5.75
C ASN B 96 -8.43 20.54 -6.82
N LYS B 97 -7.93 21.75 -6.68
CA LYS B 97 -6.90 22.32 -7.52
C LYS B 97 -5.78 22.45 -6.50
N VAL B 98 -6.16 22.23 -5.25
CA VAL B 98 -5.26 22.24 -4.10
C VAL B 98 -4.74 20.81 -4.05
N ARG B 99 -5.68 19.87 -4.15
CA ARG B 99 -5.37 18.45 -4.14
C ARG B 99 -4.27 18.12 -5.14
N GLU B 100 -4.36 18.74 -6.32
CA GLU B 100 -3.38 18.52 -7.37
C GLU B 100 -2.06 19.27 -7.11
N GLU B 101 -2.10 20.24 -6.21
CA GLU B 101 -0.91 21.01 -5.87
C GLU B 101 -0.24 20.42 -4.65
N VAL B 102 -1.02 19.72 -3.82
CA VAL B 102 -0.47 19.12 -2.62
C VAL B 102 -0.24 17.63 -2.82
N GLY B 103 1.02 17.24 -2.80
CA GLY B 103 1.37 15.85 -2.95
C GLY B 103 1.79 15.32 -1.59
N MET B 104 1.50 14.05 -1.33
CA MET B 104 1.85 13.47 -0.03
C MET B 104 2.33 12.01 -0.10
N VAL B 105 3.31 11.70 0.72
CA VAL B 105 3.87 10.36 0.81
C VAL B 105 3.68 9.90 2.26
N PHE B 106 3.20 8.68 2.42
CA PHE B 106 2.95 8.16 3.75
C PHE B 106 4.05 7.24 4.22
N GLN B 107 3.90 6.76 5.44
CA GLN B 107 4.88 5.87 6.02
C GLN B 107 4.80 4.53 5.32
N ARG B 108 3.57 4.07 5.10
CA ARG B 108 3.35 2.80 4.44
C ARG B 108 2.21 2.94 3.46
N PHE B 109 1.95 1.87 2.71
CA PHE B 109 0.84 1.81 1.78
C PHE B 109 0.80 2.86 0.67
N ASN B 110 1.94 3.19 0.08
CA ASN B 110 1.96 4.21 -0.97
C ASN B 110 1.61 3.76 -2.39
N LEU B 111 1.70 2.47 -2.67
CA LEU B 111 1.46 1.99 -4.03
C LEU B 111 0.36 0.96 -4.21
N PHE B 112 -0.19 0.88 -5.42
CA PHE B 112 -1.20 -0.12 -5.73
C PHE B 112 -0.40 -1.36 -6.15
N PRO B 113 -0.58 -2.50 -5.45
CA PRO B 113 0.15 -3.72 -5.78
C PRO B 113 -0.41 -4.45 -6.99
N HIS B 114 -1.64 -4.12 -7.37
CA HIS B 114 -2.31 -4.74 -8.50
C HIS B 114 -1.95 -4.14 -9.86
N MET B 115 -0.98 -3.22 -9.86
CA MET B 115 -0.51 -2.62 -11.09
C MET B 115 0.99 -2.34 -11.01
N THR B 116 1.61 -2.15 -12.17
CA THR B 116 3.04 -1.90 -12.28
C THR B 116 3.46 -0.55 -11.71
N VAL B 117 4.77 -0.40 -11.56
CA VAL B 117 5.34 0.84 -11.05
C VAL B 117 4.88 1.99 -11.95
N LEU B 118 5.23 1.87 -13.23
CA LEU B 118 4.88 2.87 -14.23
C LEU B 118 3.40 3.24 -14.22
N ASN B 119 2.53 2.24 -14.10
CA ASN B 119 1.09 2.52 -14.08
C ASN B 119 0.62 3.21 -12.80
N ASN B 120 1.37 3.03 -11.71
CA ASN B 120 1.05 3.68 -10.43
C ASN B 120 1.24 5.18 -10.59
N ILE B 121 2.38 5.54 -11.19
CA ILE B 121 2.76 6.93 -11.41
C ILE B 121 1.89 7.71 -12.39
N THR B 122 1.41 7.04 -13.45
CA THR B 122 0.59 7.71 -14.46
C THR B 122 -0.92 7.73 -14.18
N LEU B 123 -1.36 6.97 -13.19
CA LEU B 123 -2.78 6.89 -12.87
C LEU B 123 -3.48 8.24 -12.66
N ALA B 124 -2.91 9.09 -11.82
CA ALA B 124 -3.52 10.40 -11.54
C ALA B 124 -3.35 11.43 -12.65
N PRO B 125 -2.13 11.63 -13.15
CA PRO B 125 -1.92 12.61 -14.22
C PRO B 125 -2.93 12.39 -15.36
N MET B 126 -3.01 11.15 -15.83
CA MET B 126 -3.93 10.80 -16.91
C MET B 126 -5.38 11.01 -16.53
N LYS B 127 -5.76 10.49 -15.36
CA LYS B 127 -7.13 10.61 -14.89
C LYS B 127 -7.52 12.04 -14.54
N VAL B 128 -6.81 12.63 -13.58
CA VAL B 128 -7.09 13.97 -13.11
C VAL B 128 -6.76 15.10 -14.07
N ARG B 129 -5.62 15.00 -14.75
CA ARG B 129 -5.21 16.07 -15.65
C ARG B 129 -5.34 15.78 -17.14
N LYS B 130 -5.93 14.65 -17.48
CA LYS B 130 -6.16 14.26 -18.88
C LYS B 130 -4.90 14.11 -19.73
N TRP B 131 -3.76 13.86 -19.10
CA TRP B 131 -2.51 13.67 -19.85
C TRP B 131 -2.60 12.47 -20.78
N PRO B 132 -2.01 12.59 -21.98
CA PRO B 132 -2.04 11.48 -22.94
C PRO B 132 -1.04 10.40 -22.52
N ARG B 133 -1.48 9.14 -22.57
CA ARG B 133 -0.65 8.01 -22.20
C ARG B 133 0.83 8.19 -22.56
N GLU B 134 1.10 8.65 -23.79
CA GLU B 134 2.47 8.86 -24.23
C GLU B 134 3.19 9.88 -23.33
N LYS B 135 2.53 11.03 -23.12
CA LYS B 135 3.08 12.09 -22.31
C LYS B 135 3.34 11.63 -20.88
N ALA B 136 2.27 11.15 -20.24
CA ALA B 136 2.31 10.66 -18.86
C ALA B 136 3.46 9.68 -18.62
N GLU B 137 3.56 8.65 -19.46
CA GLU B 137 4.62 7.66 -19.29
C GLU B 137 6.02 8.23 -19.53
N ALA B 138 6.09 9.31 -20.32
CA ALA B 138 7.37 9.93 -20.63
C ALA B 138 7.95 10.59 -19.38
N LYS B 139 7.19 11.47 -18.76
CA LYS B 139 7.66 12.15 -17.56
C LYS B 139 7.85 11.15 -16.41
N ALA B 140 7.04 10.10 -16.39
CA ALA B 140 7.11 9.07 -15.37
C ALA B 140 8.45 8.36 -15.41
N MET B 141 8.91 8.03 -16.61
CA MET B 141 10.19 7.35 -16.79
C MET B 141 11.33 8.23 -16.31
N GLU B 142 11.23 9.52 -16.58
CA GLU B 142 12.26 10.44 -16.16
C GLU B 142 12.31 10.51 -14.63
N LEU B 143 11.14 10.61 -13.99
CA LEU B 143 11.08 10.68 -12.54
C LEU B 143 11.70 9.41 -11.95
N LEU B 144 11.37 8.26 -12.53
CA LEU B 144 11.93 6.99 -12.06
C LEU B 144 13.45 7.07 -12.15
N ASP B 145 13.92 7.67 -13.24
CA ASP B 145 15.35 7.85 -13.46
C ASP B 145 15.87 8.76 -12.34
N LYS B 146 15.08 9.79 -12.04
CA LYS B 146 15.41 10.77 -11.01
C LYS B 146 15.60 10.12 -9.62
N VAL B 147 14.97 8.98 -9.39
CA VAL B 147 15.11 8.30 -8.10
C VAL B 147 15.96 7.04 -8.23
N GLY B 148 16.62 6.90 -9.37
CA GLY B 148 17.48 5.76 -9.62
C GLY B 148 16.75 4.44 -9.78
N LEU B 149 15.60 4.47 -10.46
CA LEU B 149 14.79 3.26 -10.67
C LEU B 149 14.00 3.33 -11.98
N LYS B 150 14.68 3.45 -13.11
CA LYS B 150 13.98 3.52 -14.39
C LYS B 150 13.71 2.13 -14.94
N ASP B 151 14.55 1.18 -14.55
CA ASP B 151 14.45 -0.21 -15.00
C ASP B 151 13.36 -0.97 -14.25
N LYS B 152 12.80 -0.34 -13.23
CA LYS B 152 11.74 -0.95 -12.43
C LYS B 152 10.38 -0.51 -12.92
N ALA B 153 10.38 0.28 -13.99
CA ALA B 153 9.16 0.81 -14.59
C ALA B 153 8.09 -0.24 -14.85
N HIS B 154 8.52 -1.44 -15.25
CA HIS B 154 7.59 -2.51 -15.55
C HIS B 154 7.54 -3.61 -14.48
N ALA B 155 8.06 -3.32 -13.29
CA ALA B 155 8.02 -4.29 -12.22
C ALA B 155 6.79 -4.03 -11.38
N TYR B 156 6.43 -5.00 -10.55
CA TYR B 156 5.28 -4.88 -9.68
C TYR B 156 5.79 -4.53 -8.28
N PRO B 157 4.97 -3.85 -7.47
CA PRO B 157 5.34 -3.46 -6.11
C PRO B 157 5.78 -4.60 -5.18
N ASP B 158 5.19 -5.78 -5.33
N ASP B 158 5.23 -5.79 -5.41
CA ASP B 158 5.56 -6.90 -4.47
CA ASP B 158 5.53 -6.98 -4.64
C ASP B 158 7.04 -7.31 -4.62
C ASP B 158 7.03 -7.30 -4.64
N SER B 159 7.70 -6.84 -5.70
CA SER B 159 9.12 -7.14 -5.90
C SER B 159 10.13 -6.08 -5.43
N LEU B 160 9.65 -4.89 -5.04
CA LEU B 160 10.57 -3.84 -4.61
C LEU B 160 10.92 -3.90 -3.14
N SER B 161 12.02 -3.24 -2.79
CA SER B 161 12.48 -3.16 -1.42
C SER B 161 11.80 -1.94 -0.81
N GLY B 162 11.79 -1.85 0.51
CA GLY B 162 11.18 -0.70 1.15
C GLY B 162 11.76 0.59 0.59
N GLY B 163 13.08 0.67 0.55
CA GLY B 163 13.73 1.86 0.03
C GLY B 163 13.26 2.20 -1.37
N GLN B 164 13.14 1.20 -2.23
CA GLN B 164 12.72 1.42 -3.62
C GLN B 164 11.26 1.81 -3.69
N ALA B 165 10.45 1.04 -2.99
CA ALA B 165 9.02 1.27 -2.93
C ALA B 165 8.70 2.70 -2.47
N GLN B 166 9.48 3.19 -1.52
CA GLN B 166 9.25 4.53 -1.01
C GLN B 166 9.76 5.60 -1.98
N ARG B 167 10.79 5.26 -2.77
CA ARG B 167 11.32 6.20 -3.75
C ARG B 167 10.33 6.29 -4.92
N VAL B 168 9.62 5.19 -5.18
CA VAL B 168 8.62 5.15 -6.24
C VAL B 168 7.37 5.90 -5.78
N ALA B 169 7.03 5.77 -4.51
CA ALA B 169 5.87 6.47 -3.95
C ALA B 169 6.09 7.97 -4.13
N ILE B 170 7.33 8.41 -3.93
CA ILE B 170 7.68 9.81 -4.07
C ILE B 170 7.52 10.20 -5.53
N ALA B 171 8.08 9.39 -6.42
CA ALA B 171 7.98 9.68 -7.85
C ALA B 171 6.51 9.80 -8.24
N ARG B 172 5.68 8.94 -7.64
CA ARG B 172 4.26 8.98 -7.94
C ARG B 172 3.63 10.33 -7.58
N ALA B 173 3.84 10.77 -6.35
CA ALA B 173 3.28 12.05 -5.90
C ALA B 173 3.80 13.22 -6.73
N LEU B 174 5.05 13.14 -7.17
CA LEU B 174 5.67 14.18 -7.98
C LEU B 174 5.15 14.20 -9.41
N ALA B 175 4.54 13.09 -9.84
CA ALA B 175 3.99 12.98 -11.18
C ALA B 175 2.95 14.06 -11.39
N MET B 176 2.28 14.46 -10.32
CA MET B 176 1.25 15.48 -10.39
C MET B 176 1.80 16.90 -10.38
N GLU B 177 3.13 17.01 -10.42
CA GLU B 177 3.80 18.32 -10.42
C GLU B 177 3.16 19.22 -9.36
N PRO B 178 3.26 18.82 -8.09
CA PRO B 178 2.67 19.62 -7.01
C PRO B 178 3.54 20.81 -6.59
N LYS B 179 2.92 21.75 -5.88
CA LYS B 179 3.61 22.93 -5.39
C LYS B 179 4.16 22.61 -3.99
N ILE B 180 3.43 21.78 -3.26
CA ILE B 180 3.79 21.39 -1.90
C ILE B 180 3.89 19.87 -1.74
N MET B 181 4.92 19.41 -1.03
CA MET B 181 5.12 17.98 -0.78
C MET B 181 5.07 17.68 0.72
N LEU B 182 4.11 16.85 1.13
CA LEU B 182 3.95 16.47 2.54
C LEU B 182 4.53 15.05 2.70
N PHE B 183 5.32 14.85 3.74
CA PHE B 183 5.95 13.57 4.02
C PHE B 183 5.62 13.14 5.46
N ASP B 184 4.90 12.04 5.62
CA ASP B 184 4.56 11.59 6.96
C ASP B 184 5.42 10.39 7.38
N GLU B 185 6.58 10.67 7.97
CA GLU B 185 7.49 9.62 8.42
C GLU B 185 7.75 8.59 7.33
N PRO B 186 8.16 9.05 6.15
CA PRO B 186 8.45 8.17 5.02
C PRO B 186 9.47 7.05 5.24
N THR B 187 10.30 7.14 6.29
CA THR B 187 11.30 6.09 6.50
C THR B 187 11.16 5.34 7.82
N SER B 188 10.24 5.77 8.67
CA SER B 188 10.04 5.13 9.97
C SER B 188 9.81 3.63 9.94
N ALA B 189 9.34 3.11 8.81
CA ALA B 189 9.08 1.67 8.70
C ALA B 189 10.16 0.95 7.91
N LEU B 190 11.25 1.63 7.60
CA LEU B 190 12.32 1.01 6.82
C LEU B 190 13.51 0.52 7.64
N ASP B 191 14.18 -0.53 7.14
CA ASP B 191 15.37 -1.05 7.82
C ASP B 191 16.39 0.08 7.76
N PRO B 192 17.28 0.17 8.75
CA PRO B 192 18.30 1.23 8.75
C PRO B 192 19.00 1.38 7.40
N GLU B 193 19.27 0.25 6.75
CA GLU B 193 19.97 0.27 5.46
C GLU B 193 19.25 1.02 4.35
N MET B 194 17.93 0.92 4.29
CA MET B 194 17.21 1.60 3.22
C MET B 194 16.68 2.97 3.52
N VAL B 195 16.91 3.45 4.74
CA VAL B 195 16.47 4.77 5.13
C VAL B 195 17.16 5.83 4.27
N GLY B 196 18.48 5.66 4.11
CA GLY B 196 19.30 6.59 3.34
C GLY B 196 18.93 6.97 1.92
N GLU B 197 18.59 5.99 1.09
CA GLU B 197 18.22 6.26 -0.30
C GLU B 197 16.98 7.13 -0.43
N VAL B 198 16.06 7.01 0.54
CA VAL B 198 14.84 7.79 0.52
C VAL B 198 15.15 9.21 0.99
N LEU B 199 15.86 9.35 2.11
CA LEU B 199 16.20 10.69 2.62
C LEU B 199 16.99 11.44 1.53
N SER B 200 17.81 10.70 0.80
CA SER B 200 18.61 11.29 -0.27
C SER B 200 17.71 11.89 -1.35
N VAL B 201 16.63 11.19 -1.70
CA VAL B 201 15.71 11.70 -2.71
C VAL B 201 15.00 12.94 -2.18
N MET B 202 14.76 12.98 -0.87
CA MET B 202 14.10 14.12 -0.24
C MET B 202 15.09 15.27 -0.12
N LYS B 203 16.36 14.93 0.08
CA LYS B 203 17.44 15.90 0.21
C LYS B 203 17.46 16.68 -1.11
N GLN B 204 17.37 15.92 -2.21
CA GLN B 204 17.38 16.49 -3.54
C GLN B 204 16.19 17.41 -3.78
N LEU B 205 14.98 16.95 -3.45
CA LEU B 205 13.79 17.79 -3.63
C LEU B 205 13.98 19.12 -2.91
N ALA B 206 14.53 19.07 -1.71
CA ALA B 206 14.76 20.28 -0.92
C ALA B 206 15.68 21.27 -1.62
N ASN B 207 16.84 20.80 -2.11
CA ASN B 207 17.81 21.65 -2.80
C ASN B 207 17.19 22.38 -3.99
N GLU B 208 16.23 21.74 -4.64
CA GLU B 208 15.55 22.30 -5.81
C GLU B 208 14.48 23.34 -5.46
N GLY B 209 14.33 23.65 -4.18
CA GLY B 209 13.36 24.65 -3.75
C GLY B 209 11.92 24.22 -3.57
N MET B 210 11.67 22.92 -3.44
CA MET B 210 10.32 22.42 -3.25
C MET B 210 9.84 22.74 -1.82
N THR B 211 8.63 23.30 -1.71
CA THR B 211 8.07 23.62 -0.40
C THR B 211 7.70 22.28 0.23
N MET B 212 8.26 22.00 1.41
CA MET B 212 8.02 20.72 2.08
C MET B 212 7.68 20.80 3.55
N VAL B 213 6.85 19.87 4.00
CA VAL B 213 6.51 19.74 5.41
C VAL B 213 6.83 18.27 5.64
N VAL B 214 7.80 18.01 6.50
CA VAL B 214 8.23 16.65 6.75
C VAL B 214 8.18 16.20 8.20
N VAL B 215 7.30 15.24 8.49
CA VAL B 215 7.22 14.69 9.83
C VAL B 215 8.24 13.53 9.84
N THR B 216 9.25 13.62 10.70
CA THR B 216 10.29 12.59 10.75
C THR B 216 10.95 12.52 12.12
N HIS B 217 11.79 11.50 12.28
CA HIS B 217 12.55 11.34 13.51
C HIS B 217 14.00 11.16 13.08
N GLU B 218 14.26 11.45 11.81
CA GLU B 218 15.61 11.37 11.24
C GLU B 218 16.22 12.76 11.36
N MET B 219 16.74 13.06 12.55
CA MET B 219 17.31 14.36 12.84
C MET B 219 18.43 14.81 11.91
N GLY B 220 19.20 13.86 11.38
CA GLY B 220 20.28 14.22 10.46
C GLY B 220 19.72 14.98 9.28
N PHE B 221 18.63 14.47 8.70
CA PHE B 221 17.98 15.10 7.56
C PHE B 221 17.57 16.52 7.92
N ALA B 222 16.88 16.65 9.05
CA ALA B 222 16.39 17.93 9.54
C ALA B 222 17.49 18.98 9.58
N ARG B 223 18.60 18.64 10.23
CA ARG B 223 19.75 19.52 10.35
C ARG B 223 20.26 19.98 8.99
N GLU B 224 20.55 19.03 8.12
CA GLU B 224 21.06 19.30 6.78
C GLU B 224 20.09 20.02 5.84
N VAL B 225 18.82 19.59 5.84
CA VAL B 225 17.82 20.17 4.94
C VAL B 225 16.74 21.08 5.53
N GLY B 226 16.44 20.88 6.81
CA GLY B 226 15.41 21.69 7.45
C GLY B 226 15.73 23.16 7.64
N ASP B 227 14.82 24.01 7.19
CA ASP B 227 14.98 25.45 7.34
C ASP B 227 14.51 25.80 8.75
N ARG B 228 13.51 25.07 9.20
CA ARG B 228 12.90 25.32 10.50
C ARG B 228 12.41 23.98 11.05
N VAL B 229 12.32 23.88 12.37
CA VAL B 229 11.87 22.66 13.02
C VAL B 229 10.77 22.98 14.01
N LEU B 230 9.68 22.23 13.95
CA LEU B 230 8.56 22.43 14.87
C LEU B 230 8.41 21.22 15.79
N PHE B 231 8.54 21.44 17.08
CA PHE B 231 8.39 20.36 18.04
C PHE B 231 6.95 20.33 18.58
N MET B 232 6.20 19.31 18.17
CA MET B 232 4.82 19.14 18.61
C MET B 232 4.69 18.17 19.78
N ASP B 233 3.81 18.51 20.72
CA ASP B 233 3.60 17.66 21.89
C ASP B 233 2.19 17.85 22.44
N GLY B 234 1.36 16.83 22.31
CA GLY B 234 0.00 16.90 22.82
C GLY B 234 -0.92 17.89 22.18
N GLY B 235 -0.79 18.09 20.86
CA GLY B 235 -1.66 19.03 20.17
C GLY B 235 -1.19 20.47 20.10
N TYR B 236 -0.02 20.75 20.68
CA TYR B 236 0.54 22.09 20.66
C TYR B 236 1.94 22.09 20.07
N ILE B 237 2.35 23.23 19.55
CA ILE B 237 3.70 23.35 19.05
C ILE B 237 4.42 23.92 20.29
N ILE B 238 5.19 23.08 20.97
CA ILE B 238 5.89 23.52 22.17
C ILE B 238 7.10 24.40 21.91
N GLU B 239 7.85 24.09 20.85
CA GLU B 239 9.02 24.87 20.54
C GLU B 239 9.28 24.89 19.04
N GLU B 240 9.89 25.98 18.57
CA GLU B 240 10.23 26.13 17.16
C GLU B 240 11.66 26.60 17.06
N GLY B 241 12.08 26.96 15.84
CA GLY B 241 13.44 27.45 15.65
C GLY B 241 14.32 26.63 14.72
N LYS B 242 15.39 27.26 14.26
CA LYS B 242 16.37 26.63 13.38
C LYS B 242 16.82 25.31 13.99
N PRO B 243 17.07 24.30 13.15
CA PRO B 243 17.51 22.96 13.56
C PRO B 243 18.64 22.94 14.59
N GLU B 244 19.77 23.55 14.26
CA GLU B 244 20.92 23.58 15.15
C GLU B 244 20.57 24.11 16.55
N ASP B 245 19.74 25.15 16.62
CA ASP B 245 19.35 25.73 17.91
C ASP B 245 18.44 24.80 18.71
N LEU B 246 17.44 24.24 18.04
CA LEU B 246 16.49 23.37 18.70
C LEU B 246 17.11 22.02 19.04
N PHE B 247 18.00 21.54 18.19
CA PHE B 247 18.63 20.25 18.43
C PHE B 247 19.71 20.32 19.51
N ASP B 248 20.65 21.25 19.36
CA ASP B 248 21.72 21.38 20.34
C ASP B 248 21.33 22.07 21.63
N ARG B 249 20.66 23.21 21.51
CA ARG B 249 20.26 23.96 22.68
C ARG B 249 18.74 24.07 22.86
N PRO B 250 18.06 22.94 23.12
CA PRO B 250 16.61 22.95 23.31
C PRO B 250 16.25 23.83 24.51
N GLN B 251 15.25 24.68 24.33
CA GLN B 251 14.83 25.61 25.38
C GLN B 251 13.74 25.10 26.31
N HIS B 252 12.95 24.15 25.84
CA HIS B 252 11.86 23.64 26.65
C HIS B 252 12.13 22.23 27.18
N GLU B 253 11.71 21.97 28.43
CA GLU B 253 11.91 20.68 29.06
C GLU B 253 11.39 19.53 28.21
N ARG B 254 10.13 19.63 27.78
CA ARG B 254 9.53 18.58 26.98
C ARG B 254 10.34 18.34 25.71
N THR B 255 10.88 19.41 25.14
CA THR B 255 11.69 19.28 23.92
C THR B 255 12.98 18.53 24.27
N LYS B 256 13.48 18.76 25.48
CA LYS B 256 14.70 18.09 25.94
C LYS B 256 14.40 16.64 26.21
N ALA B 257 13.25 16.40 26.85
CA ALA B 257 12.80 15.04 27.20
C ALA B 257 12.58 14.15 25.98
N PHE B 258 11.94 14.70 24.95
CA PHE B 258 11.70 13.92 23.75
C PHE B 258 13.02 13.67 23.03
N LEU B 259 13.85 14.70 22.91
CA LEU B 259 15.13 14.56 22.24
C LEU B 259 16.12 13.67 23.00
N SER B 260 15.76 13.28 24.22
CA SER B 260 16.67 12.44 25.01
C SER B 260 16.47 10.96 24.66
N LYS B 261 15.39 10.64 23.96
CA LYS B 261 15.10 9.27 23.54
C LYS B 261 16.03 9.04 22.34
N VAL B 262 17.06 8.21 22.53
CA VAL B 262 18.09 7.98 21.52
C VAL B 262 18.57 9.42 21.25
N PHE B 263 19.27 9.95 22.25
CA PHE B 263 19.79 11.33 22.24
C PHE B 263 20.24 11.88 20.89
MG MG C . 6.04 -12.72 -7.67
PB ADP D . 7.11 -15.31 -9.38
O1B ADP D . 8.32 -14.54 -8.99
O2B ADP D . 5.77 -14.81 -8.62
O3B ADP D . 7.25 -16.87 -9.03
PA ADP D . 6.45 -13.88 -11.72
O1A ADP D . 5.07 -13.87 -12.27
O2A ADP D . 6.71 -12.65 -10.69
O3A ADP D . 6.76 -15.25 -10.95
O5' ADP D . 7.61 -13.77 -12.84
C5' ADP D . 7.44 -13.03 -14.05
C4' ADP D . 8.76 -13.06 -14.83
O4' ADP D . 8.71 -12.12 -15.90
C3' ADP D . 9.85 -12.52 -13.90
O3' ADP D . 11.12 -12.64 -14.53
C2' ADP D . 9.41 -11.06 -13.90
O2' ADP D . 10.50 -10.24 -13.46
C1' ADP D . 9.21 -10.87 -15.40
N9 ADP D . 8.26 -9.76 -15.69
C8 ADP D . 7.15 -9.50 -15.00
N7 ADP D . 6.50 -8.49 -15.57
C5 ADP D . 7.21 -8.10 -16.63
C6 ADP D . 7.04 -7.12 -17.61
N6 ADP D . 5.96 -6.34 -17.58
N1 ADP D . 7.96 -7.01 -18.57
C2 ADP D . 9.02 -7.80 -18.61
N3 ADP D . 9.22 -8.74 -17.70
C4 ADP D . 8.33 -8.91 -16.71
C1 GOL E . -17.15 -15.42 8.34
O1 GOL E . -18.57 -15.36 8.33
C2 GOL E . -16.58 -15.21 6.95
O2 GOL E . -17.02 -13.96 6.42
C3 GOL E . -15.05 -15.24 6.99
O3 GOL E . -14.57 -14.29 7.94
MG MG F . 1.36 9.76 12.93
PB ADP G . 0.90 11.53 15.55
O1B ADP G . 0.91 10.15 16.09
O2B ADP G . 1.75 12.72 16.24
O3B ADP G . 0.58 11.87 14.01
PA ADP G . -1.90 11.84 15.29
O1A ADP G . -2.25 13.01 14.46
O2A ADP G . -1.75 10.50 14.40
O3A ADP G . -0.52 12.03 16.10
O5' ADP G . -3.02 11.49 16.39
C5' ADP G . -3.17 12.35 17.53
C4' ADP G . -4.26 11.85 18.48
O4' ADP G . -5.50 11.73 17.75
C3' ADP G . -3.92 10.44 18.96
O3' ADP G . -4.43 10.25 20.29
C2' ADP G . -4.70 9.58 17.98
O2' ADP G . -4.95 8.29 18.55
C1' ADP G . -5.99 10.41 18.01
N9 ADP G . -6.94 9.99 16.95
C8 ADP G . -6.66 9.83 15.66
N7 ADP G . -7.77 9.50 15.01
C5 ADP G . -8.77 9.46 15.88
C6 ADP G . -10.13 9.19 15.78
N6 ADP G . -10.68 8.91 14.61
N1 ADP G . -10.88 9.24 16.90
C2 ADP G . -10.35 9.54 18.06
N3 ADP G . -9.05 9.80 18.20
C4 ADP G . -8.24 9.77 17.13
C1 GOL H . 0.34 9.11 -9.55
O1 GOL H . -0.94 8.89 -10.15
C2 GOL H . 0.36 10.46 -8.83
O2 GOL H . 0.15 11.51 -9.78
C3 GOL H . -0.74 10.50 -7.77
O3 GOL H . -0.69 11.74 -7.06
#